data_7MK1
#
_entry.id   7MK1
#
_cell.length_a   77.126
_cell.length_b   86.632
_cell.length_c   87.126
_cell.angle_alpha   90.000
_cell.angle_beta   90.000
_cell.angle_gamma   90.000
#
_symmetry.space_group_name_H-M   'P 21 21 21'
#
loop_
_entity.id
_entity.type
_entity.pdbx_description
1 polymer 'Antiviral innate immune response receptor RIG-I'
2 polymer 'DNA (41-MER)'
3 non-polymer 'ZINC ION'
4 non-polymer 'MAGNESIUM ION'
5 water water
#
loop_
_entity_poly.entity_id
_entity_poly.type
_entity_poly.pdbx_seq_one_letter_code
_entity_poly.pdbx_strand_id
1 'polypeptide(L)'
;PDKENKKLLCRKCKALACYTADVRVIEECHYTVLGDAFKECFVSRPHPKPKQFSSFEKRAKIFCARQNCSHDWGIHVKYK
TFEIPVIKIESFVVEDIATGVQTLYSKWKDFHFEKIPFDPAEMSK
;
A,B
2 'polydeoxyribonucleotide'
;(DA)(DT)(DC)(DT)(DC)(QGJ)(DG)(QGJ)(DG)(QGJ)(DC)(DA)(QGJ)(DG)(QGJ)(DG)(QGJ)(QGJ)
(QGJ)(QGJ)(DA)(DA)(QGJ)(DG)(QGJ)(DC)(DA)(DG)(QGJ)(QGJ)(QGJ)(DA)(DA)(QGJ)(DG)(DA)
(QGJ)(DG)(DA)(DG)(DG)
;
C,D
#
# COMPACT_ATOMS: atom_id res chain seq x y z
N LYS A 3 3.99 25.12 -4.94
CA LYS A 3 3.75 23.66 -5.11
C LYS A 3 5.07 23.00 -5.50
N GLU A 4 5.34 21.83 -4.92
CA GLU A 4 6.38 20.90 -5.41
C GLU A 4 5.79 20.05 -6.54
N ASN A 5 4.51 20.25 -6.90
CA ASN A 5 3.82 19.48 -7.98
C ASN A 5 4.62 19.61 -9.28
N LYS A 6 4.86 18.48 -9.96
CA LYS A 6 5.61 18.49 -11.24
C LYS A 6 4.79 17.82 -12.35
N LYS A 7 5.11 18.14 -13.61
CA LYS A 7 4.54 17.47 -14.80
C LYS A 7 5.46 16.31 -15.21
N LEU A 8 4.86 15.17 -15.57
CA LEU A 8 5.50 14.11 -16.37
C LEU A 8 5.09 14.28 -17.82
N LEU A 9 6.08 14.45 -18.71
CA LEU A 9 5.87 14.47 -20.17
C LEU A 9 6.42 13.18 -20.76
N CYS A 10 5.82 12.74 -21.85
CA CYS A 10 6.33 11.69 -22.75
C CYS A 10 7.78 12.03 -23.12
N ARG A 11 8.70 11.12 -22.91
CA ARG A 11 10.14 11.44 -23.14
C ARG A 11 10.38 11.57 -24.65
N LYS A 12 9.60 10.86 -25.46
CA LYS A 12 9.80 10.90 -26.93
C LYS A 12 9.22 12.20 -27.51
N CYS A 13 7.95 12.55 -27.25
CA CYS A 13 7.25 13.70 -27.91
C CYS A 13 6.97 14.87 -26.96
N LYS A 14 7.15 14.72 -25.65
CA LYS A 14 6.91 15.79 -24.64
C LYS A 14 5.41 16.10 -24.45
N ALA A 15 4.50 15.29 -24.95
CA ALA A 15 3.07 15.37 -24.53
C ALA A 15 2.93 15.28 -23.00
N LEU A 16 2.02 16.08 -22.44
CA LEU A 16 1.66 15.98 -21.00
C LEU A 16 0.98 14.63 -20.74
N ALA A 17 1.53 13.85 -19.79
CA ALA A 17 1.00 12.55 -19.35
C ALA A 17 0.20 12.72 -18.06
N CYS A 18 0.77 13.33 -17.02
CA CYS A 18 0.11 13.51 -15.71
C CYS A 18 0.95 14.43 -14.82
N TYR A 19 0.46 14.73 -13.63
CA TYR A 19 1.20 15.47 -12.58
C TYR A 19 1.65 14.47 -11.50
N THR A 20 2.68 14.81 -10.75
CA THR A 20 3.12 13.94 -9.63
C THR A 20 2.01 13.85 -8.59
N ALA A 21 1.11 14.85 -8.50
CA ALA A 21 -0.04 14.81 -7.56
C ALA A 21 -0.99 13.64 -7.91
N ASP A 22 -0.99 13.17 -9.15
CA ASP A 22 -1.84 12.02 -9.58
C ASP A 22 -1.13 10.68 -9.34
N VAL A 23 0.17 10.67 -9.08
CA VAL A 23 0.94 9.38 -9.01
C VAL A 23 0.71 8.76 -7.62
N ARG A 24 0.56 7.44 -7.57
CA ARG A 24 0.50 6.65 -6.31
C ARG A 24 1.47 5.48 -6.39
N VAL A 25 1.94 5.01 -5.24
CA VAL A 25 2.91 3.87 -5.11
C VAL A 25 2.16 2.64 -4.62
N ILE A 26 2.42 1.50 -5.25
CA ILE A 26 1.92 0.16 -4.82
C ILE A 26 3.13 -0.68 -4.43
N GLU A 27 3.14 -1.14 -3.17
CA GLU A 27 4.11 -2.14 -2.65
C GLU A 27 5.53 -1.60 -2.82
N GLU A 28 5.70 -0.32 -2.52
CA GLU A 28 7.06 0.26 -2.45
C GLU A 28 7.73 0.57 -3.78
N CYS A 29 7.41 -0.14 -4.86
CA CYS A 29 8.29 0.02 -6.06
C CYS A 29 7.54 0.10 -7.41
N HIS A 30 6.21 0.04 -7.45
CA HIS A 30 5.41 0.17 -8.70
C HIS A 30 4.52 1.38 -8.57
N TYR A 31 4.45 2.16 -9.63
CA TYR A 31 3.78 3.48 -9.63
C TYR A 31 2.65 3.46 -10.64
N THR A 32 1.48 3.92 -10.22
CA THR A 32 0.28 4.06 -11.05
C THR A 32 -0.14 5.52 -11.01
N VAL A 33 -1.10 5.87 -11.86
CA VAL A 33 -1.65 7.23 -12.03
C VAL A 33 -3.17 7.19 -11.81
N LEU A 34 -3.68 8.12 -11.01
CA LEU A 34 -5.13 8.23 -10.71
C LEU A 34 -5.83 9.05 -11.79
N GLY A 35 -7.09 8.72 -12.01
CA GLY A 35 -8.06 9.62 -12.67
C GLY A 35 -8.27 9.30 -14.14
N ASP A 36 -9.36 9.84 -14.67
CA ASP A 36 -9.84 9.55 -16.04
C ASP A 36 -9.03 10.41 -17.01
N ALA A 37 -8.48 11.54 -16.60
CA ALA A 37 -7.63 12.36 -17.49
C ALA A 37 -6.51 11.48 -18.11
N PHE A 38 -5.86 10.60 -17.32
CA PHE A 38 -4.66 9.85 -17.80
C PHE A 38 -5.04 8.86 -18.92
N LYS A 39 -6.27 8.35 -18.90
CA LYS A 39 -6.80 7.43 -19.94
C LYS A 39 -6.92 8.08 -21.31
N GLU A 40 -6.95 9.41 -21.39
CA GLU A 40 -6.95 10.09 -22.71
C GLU A 40 -5.50 10.16 -23.24
N CYS A 41 -4.50 9.94 -22.39
CA CYS A 41 -3.08 10.15 -22.74
C CYS A 41 -2.39 8.89 -23.27
N PHE A 42 -2.95 7.70 -23.03
CA PHE A 42 -2.30 6.43 -23.41
C PHE A 42 -3.29 5.59 -24.23
N VAL A 43 -2.74 4.69 -25.04
CA VAL A 43 -3.51 3.56 -25.63
C VAL A 43 -2.86 2.24 -25.20
N SER A 44 -3.67 1.20 -25.15
CA SER A 44 -3.26 -0.17 -24.78
C SER A 44 -3.05 -0.99 -26.04
N ARG A 45 -2.20 -2.01 -25.95
CA ARG A 45 -2.20 -3.14 -26.90
C ARG A 45 -2.19 -4.39 -26.05
N PRO A 46 -2.75 -5.51 -26.50
CA PRO A 46 -2.67 -6.72 -25.70
C PRO A 46 -1.19 -7.04 -25.41
N HIS A 47 -0.93 -7.54 -24.21
CA HIS A 47 0.45 -7.89 -23.76
C HIS A 47 0.84 -9.17 -24.51
N PRO A 48 1.95 -9.21 -25.28
CA PRO A 48 2.29 -10.42 -25.99
C PRO A 48 2.54 -11.63 -25.07
N LYS A 49 2.95 -11.42 -23.83
CA LYS A 49 3.25 -12.54 -22.88
C LYS A 49 2.55 -12.28 -21.55
N PRO A 50 1.19 -12.34 -21.54
CA PRO A 50 0.40 -11.97 -20.37
C PRO A 50 0.70 -13.08 -19.34
N LYS A 51 0.70 -12.71 -18.08
CA LYS A 51 1.41 -13.42 -17.00
C LYS A 51 1.12 -12.68 -15.70
N GLN A 52 1.01 -13.44 -14.63
CA GLN A 52 0.95 -12.98 -13.22
C GLN A 52 2.38 -12.71 -12.72
N PHE A 53 2.57 -11.68 -11.92
CA PHE A 53 3.70 -11.57 -10.99
C PHE A 53 3.23 -10.84 -9.74
N SER A 54 3.67 -11.31 -8.56
CA SER A 54 3.30 -10.68 -7.27
C SER A 54 1.77 -10.53 -7.26
N SER A 55 1.21 -9.36 -6.95
CA SER A 55 -0.25 -9.14 -6.84
C SER A 55 -0.89 -8.73 -8.18
N PHE A 56 -0.16 -8.83 -9.31
CA PHE A 56 -0.57 -8.27 -10.62
C PHE A 56 -0.76 -9.35 -11.65
N GLU A 57 -1.79 -9.20 -12.47
CA GLU A 57 -1.98 -10.00 -13.71
C GLU A 57 -1.84 -9.01 -14.88
N LYS A 58 -0.87 -9.21 -15.76
CA LYS A 58 -0.59 -8.28 -16.88
C LYS A 58 -1.56 -8.55 -18.03
N ARG A 59 -2.31 -7.53 -18.43
CA ARG A 59 -3.30 -7.63 -19.53
C ARG A 59 -2.73 -6.97 -20.78
N ALA A 60 -1.98 -5.88 -20.62
CA ALA A 60 -1.69 -4.97 -21.74
C ALA A 60 -0.37 -4.22 -21.53
N LYS A 61 0.16 -3.69 -22.61
CA LYS A 61 1.20 -2.64 -22.56
C LYS A 61 0.49 -1.34 -22.91
N ILE A 62 1.02 -0.24 -22.38
CA ILE A 62 0.45 1.08 -22.63
C ILE A 62 1.51 1.92 -23.32
N PHE A 63 1.02 2.84 -24.13
CA PHE A 63 1.80 3.67 -25.07
C PHE A 63 1.23 5.09 -25.07
N CYS A 64 2.08 6.08 -25.37
CA CYS A 64 1.64 7.45 -25.75
C CYS A 64 0.52 7.32 -26.78
N ALA A 65 -0.62 8.00 -26.56
CA ALA A 65 -1.83 7.99 -27.43
C ALA A 65 -1.56 8.69 -28.76
N ARG A 66 -0.53 9.53 -28.85
CA ARG A 66 -0.20 10.19 -30.14
C ARG A 66 0.33 9.17 -31.16
N GLN A 67 -0.30 9.11 -32.33
CA GLN A 67 -0.14 8.01 -33.31
C GLN A 67 1.23 8.13 -33.96
N ASN A 68 1.80 9.33 -34.03
CA ASN A 68 3.16 9.50 -34.59
C ASN A 68 4.23 9.18 -33.53
N CYS A 69 3.87 8.97 -32.25
CA CYS A 69 4.81 8.76 -31.13
C CYS A 69 4.73 7.30 -30.71
N SER A 70 3.63 6.87 -30.09
CA SER A 70 3.43 5.46 -29.68
C SER A 70 4.56 4.96 -28.78
N HIS A 71 5.17 5.83 -27.99
CA HIS A 71 6.26 5.46 -27.06
C HIS A 71 5.72 4.53 -25.96
N ASP A 72 6.46 3.47 -25.63
CA ASP A 72 6.10 2.54 -24.52
C ASP A 72 6.14 3.27 -23.17
N TRP A 73 5.05 3.22 -22.42
CA TRP A 73 4.88 3.94 -21.12
C TRP A 73 4.81 2.97 -19.93
N GLY A 74 4.62 1.69 -20.16
CA GLY A 74 4.46 0.69 -19.09
C GLY A 74 3.43 -0.33 -19.44
N ILE A 75 2.69 -0.79 -18.45
CA ILE A 75 1.76 -1.94 -18.59
C ILE A 75 0.43 -1.62 -17.92
N HIS A 76 -0.59 -2.43 -18.23
CA HIS A 76 -1.94 -2.33 -17.60
C HIS A 76 -2.19 -3.68 -16.94
N VAL A 77 -2.53 -3.67 -15.65
CA VAL A 77 -2.59 -4.88 -14.79
C VAL A 77 -3.93 -4.96 -14.05
N LYS A 78 -4.35 -6.16 -13.70
CA LYS A 78 -5.35 -6.36 -12.65
C LYS A 78 -4.60 -6.39 -11.33
N TYR A 79 -5.00 -5.50 -10.43
CA TYR A 79 -4.58 -5.44 -9.02
C TYR A 79 -5.83 -5.44 -8.15
N LYS A 80 -5.97 -6.48 -7.35
CA LYS A 80 -7.18 -6.73 -6.54
C LYS A 80 -8.36 -6.81 -7.53
N THR A 81 -9.41 -6.01 -7.35
CA THR A 81 -10.59 -5.97 -8.26
C THR A 81 -10.39 -4.90 -9.35
N PHE A 82 -9.28 -4.16 -9.34
CA PHE A 82 -9.06 -2.97 -10.20
C PHE A 82 -8.23 -3.33 -11.43
N GLU A 83 -8.33 -2.51 -12.47
CA GLU A 83 -7.48 -2.57 -13.68
C GLU A 83 -6.78 -1.23 -13.70
N ILE A 84 -5.45 -1.20 -13.56
CA ILE A 84 -4.68 0.05 -13.34
C ILE A 84 -3.46 0.08 -14.25
N PRO A 85 -3.01 1.29 -14.66
CA PRO A 85 -1.74 1.42 -15.36
C PRO A 85 -0.56 1.38 -14.36
N VAL A 86 0.58 0.83 -14.79
CA VAL A 86 1.88 0.86 -14.04
C VAL A 86 2.88 1.53 -14.99
N ILE A 87 3.38 2.70 -14.63
CA ILE A 87 4.21 3.55 -15.52
C ILE A 87 5.72 3.36 -15.22
N LYS A 88 6.52 3.34 -16.28
CA LYS A 88 7.98 3.32 -16.22
C LYS A 88 8.54 4.72 -16.09
N ILE A 89 9.48 4.95 -15.18
CA ILE A 89 10.07 6.30 -14.96
C ILE A 89 10.88 6.67 -16.19
N GLU A 90 11.47 5.70 -16.88
CA GLU A 90 12.31 5.91 -18.08
C GLU A 90 11.47 6.49 -19.25
N SER A 91 10.15 6.31 -19.22
CA SER A 91 9.25 6.65 -20.35
C SER A 91 8.96 8.16 -20.36
N PHE A 92 9.31 8.89 -19.30
CA PHE A 92 8.93 10.31 -19.10
C PHE A 92 10.14 11.18 -18.82
N VAL A 93 9.98 12.47 -19.06
CA VAL A 93 10.78 13.56 -18.45
C VAL A 93 9.91 14.24 -17.41
N VAL A 94 10.54 14.68 -16.33
CA VAL A 94 9.90 15.44 -15.22
C VAL A 94 10.17 16.91 -15.50
N GLU A 95 9.12 17.73 -15.56
CA GLU A 95 9.23 19.18 -15.87
C GLU A 95 8.83 20.00 -14.65
N ASP A 96 9.72 20.89 -14.20
CA ASP A 96 9.38 21.95 -13.21
C ASP A 96 8.37 22.88 -13.89
N ILE A 97 7.21 23.13 -13.28
CA ILE A 97 6.12 23.91 -13.94
C ILE A 97 6.54 25.39 -14.06
N ALA A 98 7.18 25.96 -13.03
CA ALA A 98 7.64 27.38 -13.01
C ALA A 98 8.67 27.66 -14.11
N THR A 99 9.71 26.83 -14.24
CA THR A 99 10.91 27.11 -15.07
C THR A 99 10.82 26.40 -16.42
N GLY A 100 10.06 25.31 -16.52
CA GLY A 100 10.00 24.44 -17.71
C GLY A 100 11.28 23.65 -17.92
N VAL A 101 12.15 23.53 -16.91
CA VAL A 101 13.38 22.71 -17.02
C VAL A 101 12.99 21.23 -16.85
N GLN A 102 13.59 20.37 -17.68
CA GLN A 102 13.24 18.93 -17.79
C GLN A 102 14.41 18.08 -17.26
N THR A 103 14.08 17.08 -16.44
CA THR A 103 15.01 16.12 -15.79
C THR A 103 14.65 14.69 -16.19
N LEU A 104 15.66 13.90 -16.53
CA LEU A 104 15.50 12.50 -16.96
C LEU A 104 15.88 11.60 -15.78
N TYR A 105 15.06 10.62 -15.45
CA TYR A 105 15.41 9.62 -14.41
C TYR A 105 15.31 8.24 -15.01
N SER A 106 16.14 7.29 -14.55
CA SER A 106 15.93 5.85 -14.89
C SER A 106 15.63 5.06 -13.63
N LYS A 107 15.58 5.69 -12.46
CA LYS A 107 15.28 4.98 -11.19
C LYS A 107 14.29 5.84 -10.41
N TRP A 108 13.20 5.25 -9.95
CA TRP A 108 12.21 6.01 -9.14
C TRP A 108 12.92 6.56 -7.88
N LYS A 109 13.84 5.81 -7.28
CA LYS A 109 14.53 6.24 -6.03
C LYS A 109 15.33 7.54 -6.25
N ASP A 110 15.80 7.84 -7.45
CA ASP A 110 16.54 9.10 -7.73
C ASP A 110 15.57 10.28 -7.81
N PHE A 111 14.30 10.02 -8.03
CA PHE A 111 13.28 11.07 -8.29
C PHE A 111 12.56 11.38 -6.98
N HIS A 112 12.88 12.53 -6.38
CA HIS A 112 12.39 12.91 -5.04
C HIS A 112 11.10 13.68 -5.22
N PHE A 113 9.99 13.12 -4.76
CA PHE A 113 8.67 13.79 -4.75
C PHE A 113 7.83 13.07 -3.71
N GLU A 114 6.69 13.65 -3.36
CA GLU A 114 5.80 13.12 -2.31
C GLU A 114 5.19 11.84 -2.90
N LYS A 115 5.59 10.69 -2.37
CA LYS A 115 5.22 9.36 -2.91
C LYS A 115 4.11 8.80 -2.04
N ILE A 116 2.86 9.00 -2.44
CA ILE A 116 1.65 8.68 -1.66
C ILE A 116 1.25 7.24 -1.98
N PRO A 117 1.13 6.35 -0.99
CA PRO A 117 0.65 5.01 -1.25
C PRO A 117 -0.74 4.97 -1.90
N PHE A 118 -0.90 4.01 -2.80
CA PHE A 118 -2.18 3.71 -3.50
C PHE A 118 -3.23 3.29 -2.46
N ASP A 119 -4.35 3.99 -2.49
CA ASP A 119 -5.48 3.73 -1.57
C ASP A 119 -6.71 3.42 -2.40
N PRO A 120 -7.19 2.15 -2.40
CA PRO A 120 -8.39 1.75 -3.14
C PRO A 120 -9.61 2.65 -2.93
N ALA A 121 -9.73 3.33 -1.79
CA ALA A 121 -10.83 4.25 -1.44
C ALA A 121 -10.84 5.50 -2.33
N GLU A 122 -9.74 5.81 -3.03
CA GLU A 122 -9.64 6.99 -3.93
C GLU A 122 -10.29 6.68 -5.29
N MET A 123 -10.79 5.46 -5.51
CA MET A 123 -11.37 4.97 -6.80
C MET A 123 -12.84 5.42 -6.91
N LYS B 3 1.05 10.68 13.50
CA LYS B 3 2.10 11.70 13.78
C LYS B 3 2.91 11.29 15.03
N GLU B 4 2.25 11.11 16.18
CA GLU B 4 2.87 10.85 17.52
C GLU B 4 2.54 9.42 17.97
N ASN B 5 3.45 8.76 18.70
CA ASN B 5 3.35 7.32 19.04
C ASN B 5 2.14 7.08 19.96
N LYS B 6 1.36 6.04 19.71
CA LYS B 6 0.20 5.62 20.55
C LYS B 6 0.41 4.20 21.03
N LYS B 7 -0.16 3.86 22.17
CA LYS B 7 -0.23 2.46 22.65
C LYS B 7 -1.56 1.86 22.16
N LEU B 8 -1.52 0.61 21.73
CA LEU B 8 -2.70 -0.26 21.54
C LEU B 8 -2.74 -1.18 22.74
N LEU B 9 -3.82 -1.10 23.48
CA LEU B 9 -4.04 -1.92 24.69
C LEU B 9 -5.11 -2.95 24.37
N CYS B 10 -4.96 -4.17 24.86
CA CYS B 10 -6.06 -5.15 24.82
C CYS B 10 -7.32 -4.51 25.42
N ARG B 11 -8.42 -4.48 24.69
CA ARG B 11 -9.66 -3.79 25.15
C ARG B 11 -10.17 -4.48 26.43
N LYS B 12 -9.91 -5.77 26.61
CA LYS B 12 -10.54 -6.53 27.73
C LYS B 12 -9.69 -6.39 29.00
N CYS B 13 -8.38 -6.66 28.95
CA CYS B 13 -7.51 -6.62 30.15
C CYS B 13 -6.63 -5.35 30.19
N LYS B 14 -6.51 -4.61 29.08
CA LYS B 14 -5.78 -3.32 29.03
C LYS B 14 -4.26 -3.51 29.08
N ALA B 15 -3.75 -4.74 28.92
CA ALA B 15 -2.32 -5.04 28.66
C ALA B 15 -1.84 -4.32 27.40
N LEU B 16 -0.62 -3.77 27.41
CA LEU B 16 0.01 -3.16 26.22
C LEU B 16 0.23 -4.24 25.17
N ALA B 17 -0.43 -4.13 24.01
CA ALA B 17 -0.26 -5.07 22.87
C ALA B 17 0.96 -4.61 22.02
N CYS B 18 1.00 -3.35 21.60
CA CYS B 18 2.04 -2.81 20.69
C CYS B 18 1.92 -1.30 20.65
N TYR B 19 2.86 -0.65 19.97
CA TYR B 19 2.86 0.81 19.69
C TYR B 19 2.59 0.98 18.20
N THR B 20 2.03 2.12 17.80
CA THR B 20 1.65 2.36 16.38
C THR B 20 2.90 2.38 15.51
N ALA B 21 4.06 2.73 16.11
CA ALA B 21 5.43 2.64 15.54
C ALA B 21 5.71 1.27 14.91
N ASP B 22 5.19 0.18 15.51
CA ASP B 22 5.44 -1.22 15.08
C ASP B 22 4.35 -1.66 14.07
N VAL B 23 3.31 -0.87 13.85
CA VAL B 23 2.16 -1.28 12.99
C VAL B 23 2.54 -1.02 11.53
N ARG B 24 2.15 -1.92 10.64
CA ARG B 24 2.32 -1.72 9.18
C ARG B 24 1.02 -2.11 8.50
N VAL B 25 0.73 -1.43 7.40
CA VAL B 25 -0.54 -1.62 6.65
C VAL B 25 -0.24 -2.33 5.32
N ILE B 26 -1.03 -3.34 5.03
CA ILE B 26 -0.99 -4.11 3.75
C ILE B 26 -2.20 -3.68 2.94
N GLU B 27 -1.96 -3.13 1.75
CA GLU B 27 -2.99 -2.78 0.73
C GLU B 27 -3.93 -1.69 1.28
N GLU B 28 -3.43 -0.86 2.19
CA GLU B 28 -4.17 0.26 2.86
C GLU B 28 -5.46 -0.26 3.54
N CYS B 29 -5.45 -1.50 4.02
CA CYS B 29 -6.69 -2.16 4.50
C CYS B 29 -6.48 -3.04 5.74
N HIS B 30 -5.45 -3.88 5.73
CA HIS B 30 -5.18 -4.90 6.78
C HIS B 30 -3.93 -4.49 7.54
N TYR B 31 -3.95 -4.55 8.86
CA TYR B 31 -2.86 -4.06 9.74
C TYR B 31 -2.15 -5.24 10.41
N THR B 32 -0.82 -5.18 10.35
CA THR B 32 0.06 -6.17 11.02
C THR B 32 0.99 -5.41 11.97
N VAL B 33 1.71 -6.16 12.82
CA VAL B 33 2.69 -5.62 13.81
C VAL B 33 4.06 -6.28 13.55
N LEU B 34 5.10 -5.47 13.43
CA LEU B 34 6.49 -5.96 13.26
C LEU B 34 7.08 -6.32 14.63
N GLY B 35 7.93 -7.35 14.65
CA GLY B 35 8.94 -7.56 15.69
C GLY B 35 8.63 -8.73 16.59
N ASP B 36 9.65 -9.17 17.33
CA ASP B 36 9.59 -10.37 18.19
C ASP B 36 8.76 -10.04 19.42
N ALA B 37 8.80 -8.79 19.89
CA ALA B 37 8.10 -8.39 21.14
C ALA B 37 6.62 -8.75 20.98
N PHE B 38 6.00 -8.35 19.88
CA PHE B 38 4.54 -8.59 19.66
C PHE B 38 4.21 -10.08 19.76
N LYS B 39 5.09 -10.95 19.26
CA LYS B 39 4.84 -12.42 19.20
C LYS B 39 4.65 -12.99 20.62
N GLU B 40 5.24 -12.35 21.62
CA GLU B 40 5.13 -12.79 23.03
C GLU B 40 3.76 -12.35 23.58
N CYS B 41 3.08 -11.40 22.94
CA CYS B 41 1.86 -10.73 23.50
C CYS B 41 0.59 -11.50 23.11
N PHE B 42 0.66 -12.43 22.15
CA PHE B 42 -0.51 -13.19 21.70
C PHE B 42 -0.18 -14.68 21.65
N VAL B 43 -1.22 -15.51 21.63
CA VAL B 43 -1.12 -16.97 21.33
C VAL B 43 -2.04 -17.26 20.14
N SER B 44 -1.67 -18.29 19.37
CA SER B 44 -2.40 -18.74 18.16
C SER B 44 -3.17 -20.03 18.44
N ARG B 45 -4.22 -20.27 17.69
CA ARG B 45 -5.00 -21.52 17.70
C ARG B 45 -5.42 -21.76 16.26
N PRO B 46 -5.40 -23.03 15.76
CA PRO B 46 -5.71 -23.31 14.36
C PRO B 46 -7.08 -22.70 14.05
N HIS B 47 -7.22 -22.09 12.88
CA HIS B 47 -8.49 -21.45 12.44
C HIS B 47 -9.49 -22.54 12.15
N PRO B 48 -10.71 -22.50 12.74
CA PRO B 48 -11.70 -23.55 12.51
C PRO B 48 -12.10 -23.65 11.04
N LYS B 49 -11.89 -22.61 10.23
CA LYS B 49 -12.28 -22.56 8.79
C LYS B 49 -11.20 -21.85 7.99
N PRO B 50 -10.03 -22.51 7.80
CA PRO B 50 -8.92 -21.90 7.08
C PRO B 50 -9.34 -21.75 5.61
N LYS B 51 -9.27 -20.53 5.09
CA LYS B 51 -9.67 -20.16 3.71
C LYS B 51 -8.65 -19.16 3.16
N GLN B 52 -8.50 -19.13 1.86
CA GLN B 52 -7.75 -18.09 1.15
C GLN B 52 -8.74 -16.98 0.84
N PHE B 53 -8.30 -15.73 0.84
CA PHE B 53 -9.07 -14.61 0.28
C PHE B 53 -8.03 -13.64 -0.26
N SER B 54 -8.14 -13.24 -1.53
CA SER B 54 -7.19 -12.35 -2.22
C SER B 54 -5.76 -12.81 -1.89
N SER B 55 -4.97 -11.93 -1.28
CA SER B 55 -3.51 -12.10 -1.03
C SER B 55 -3.24 -13.01 0.16
N PHE B 56 -4.25 -13.53 0.87
CA PHE B 56 -4.03 -14.11 2.22
C PHE B 56 -4.49 -15.56 2.27
N GLU B 57 -3.69 -16.40 2.93
CA GLU B 57 -4.09 -17.76 3.37
C GLU B 57 -4.24 -17.70 4.89
N LYS B 58 -5.46 -17.92 5.35
CA LYS B 58 -5.85 -17.78 6.76
C LYS B 58 -5.56 -19.10 7.46
N ARG B 59 -4.74 -19.06 8.51
CA ARG B 59 -4.20 -20.26 9.18
C ARG B 59 -4.78 -20.38 10.58
N ALA B 60 -4.83 -19.27 11.31
CA ALA B 60 -5.02 -19.26 12.77
C ALA B 60 -5.83 -18.03 13.20
N LYS B 61 -6.41 -18.13 14.40
CA LYS B 61 -6.95 -17.00 15.20
C LYS B 61 -5.95 -16.68 16.31
N ILE B 62 -5.78 -15.38 16.61
CA ILE B 62 -4.85 -14.91 17.66
C ILE B 62 -5.62 -14.29 18.82
N PHE B 63 -5.05 -14.47 20.02
CA PHE B 63 -5.66 -14.15 21.32
C PHE B 63 -4.62 -13.48 22.20
N CYS B 64 -5.08 -12.55 23.04
CA CYS B 64 -4.29 -11.96 24.14
C CYS B 64 -3.60 -13.12 24.87
N ALA B 65 -2.30 -12.97 25.16
CA ALA B 65 -1.49 -14.00 25.86
C ALA B 65 -1.73 -13.98 27.39
N ARG B 66 -2.38 -12.97 27.97
CA ARG B 66 -2.71 -12.95 29.42
C ARG B 66 -3.63 -14.13 29.72
N GLN B 67 -3.24 -15.00 30.65
CA GLN B 67 -3.94 -16.29 30.92
C GLN B 67 -5.43 -16.01 31.17
N ASN B 68 -5.75 -14.94 31.91
CA ASN B 68 -7.13 -14.67 32.38
C ASN B 68 -7.91 -13.77 31.41
N CYS B 69 -7.38 -13.53 30.20
CA CYS B 69 -8.00 -12.68 29.14
C CYS B 69 -8.29 -13.55 27.92
N SER B 70 -7.27 -13.90 27.11
CA SER B 70 -7.45 -14.70 25.87
C SER B 70 -8.51 -14.06 24.94
N HIS B 71 -8.63 -12.74 24.95
CA HIS B 71 -9.52 -12.00 24.02
C HIS B 71 -9.03 -12.13 22.57
N ASP B 72 -9.98 -12.28 21.65
CA ASP B 72 -9.74 -12.39 20.19
C ASP B 72 -9.09 -11.08 19.72
N TRP B 73 -7.95 -11.18 19.02
CA TRP B 73 -7.17 -10.00 18.56
C TRP B 73 -7.14 -9.92 17.04
N GLY B 74 -7.53 -11.00 16.35
CA GLY B 74 -7.45 -11.08 14.89
C GLY B 74 -7.01 -12.46 14.45
N ILE B 75 -6.27 -12.53 13.35
CA ILE B 75 -5.97 -13.80 12.64
C ILE B 75 -4.48 -13.83 12.31
N HIS B 76 -3.99 -15.00 11.90
CA HIS B 76 -2.60 -15.22 11.44
C HIS B 76 -2.72 -15.79 10.03
N VAL B 77 -2.07 -15.14 9.07
CA VAL B 77 -2.22 -15.44 7.62
C VAL B 77 -0.81 -15.68 7.04
N LYS B 78 -0.76 -16.43 5.94
CA LYS B 78 0.38 -16.39 5.01
C LYS B 78 0.12 -15.23 4.07
N TYR B 79 1.05 -14.27 3.99
CA TYR B 79 1.05 -13.18 2.99
C TYR B 79 2.40 -13.23 2.25
N LYS B 80 2.36 -13.31 0.91
CA LYS B 80 3.56 -13.58 0.07
C LYS B 80 4.32 -14.70 0.77
N THR B 81 5.54 -14.47 1.24
CA THR B 81 6.39 -15.52 1.87
C THR B 81 6.36 -15.44 3.40
N PHE B 82 5.51 -14.58 3.97
CA PHE B 82 5.49 -14.29 5.42
C PHE B 82 4.28 -14.92 6.11
N GLU B 83 4.46 -15.27 7.37
CA GLU B 83 3.41 -15.69 8.32
C GLU B 83 3.25 -14.52 9.29
N ILE B 84 2.10 -13.83 9.28
CA ILE B 84 1.95 -12.53 10.01
C ILE B 84 0.62 -12.49 10.73
N PRO B 85 0.60 -11.74 11.87
CA PRO B 85 -0.64 -11.43 12.56
C PRO B 85 -1.37 -10.28 11.84
N VAL B 86 -2.69 -10.39 11.77
CA VAL B 86 -3.58 -9.31 11.27
C VAL B 86 -4.53 -8.96 12.41
N ILE B 87 -4.42 -7.74 12.87
CA ILE B 87 -5.07 -7.26 14.14
C ILE B 87 -6.37 -6.48 13.83
N LYS B 88 -7.42 -6.79 14.58
CA LYS B 88 -8.74 -6.10 14.50
C LYS B 88 -8.75 -4.84 15.34
N ILE B 89 -9.04 -3.69 14.72
CA ILE B 89 -9.12 -2.39 15.45
C ILE B 89 -10.11 -2.49 16.62
N GLU B 90 -11.24 -3.19 16.48
CA GLU B 90 -12.26 -3.27 17.56
C GLU B 90 -11.68 -4.01 18.78
N SER B 91 -10.50 -4.63 18.72
CA SER B 91 -9.96 -5.44 19.85
C SER B 91 -9.09 -4.60 20.78
N PHE B 92 -8.79 -3.37 20.40
CA PHE B 92 -7.84 -2.51 21.14
C PHE B 92 -8.47 -1.18 21.56
N VAL B 93 -7.97 -0.66 22.66
CA VAL B 93 -8.11 0.76 23.05
C VAL B 93 -6.78 1.41 22.70
N VAL B 94 -6.87 2.54 22.04
CA VAL B 94 -5.71 3.40 21.73
C VAL B 94 -5.55 4.38 22.91
N GLU B 95 -4.35 4.40 23.50
CA GLU B 95 -3.94 5.42 24.47
C GLU B 95 -2.88 6.32 23.83
N ASP B 96 -3.22 7.60 23.64
CA ASP B 96 -2.27 8.67 23.27
C ASP B 96 -1.22 8.79 24.39
N ILE B 97 0.07 8.70 24.07
CA ILE B 97 1.16 8.68 25.09
C ILE B 97 1.17 10.01 25.83
N ALA B 98 1.18 11.12 25.09
CA ALA B 98 1.39 12.52 25.58
C ALA B 98 0.22 12.99 26.46
N THR B 99 -1.01 12.55 26.17
CA THR B 99 -2.27 13.03 26.81
C THR B 99 -2.77 12.06 27.89
N GLY B 100 -2.68 10.75 27.63
CA GLY B 100 -3.31 9.71 28.48
C GLY B 100 -4.76 9.43 28.08
N VAL B 101 -5.30 10.15 27.09
CA VAL B 101 -6.70 9.91 26.61
C VAL B 101 -6.76 8.58 25.85
N GLN B 102 -7.75 7.75 26.22
CA GLN B 102 -8.06 6.44 25.62
C GLN B 102 -9.24 6.62 24.64
N THR B 103 -9.14 5.99 23.45
CA THR B 103 -10.12 6.04 22.34
C THR B 103 -10.40 4.64 21.81
N LEU B 104 -11.65 4.33 21.52
CA LEU B 104 -12.04 3.06 20.83
C LEU B 104 -12.47 3.44 19.43
N TYR B 105 -12.01 2.70 18.44
CA TYR B 105 -12.37 2.88 17.03
C TYR B 105 -12.97 1.57 16.55
N SER B 106 -13.86 1.65 15.56
CA SER B 106 -14.41 0.48 14.84
C SER B 106 -13.89 0.47 13.41
N LYS B 107 -13.20 1.54 12.99
CA LYS B 107 -12.76 1.71 11.59
C LYS B 107 -11.35 2.31 11.59
N TRP B 108 -10.41 1.60 10.96
CA TRP B 108 -8.99 1.98 10.84
C TRP B 108 -8.90 3.36 10.20
N LYS B 109 -9.81 3.65 9.26
CA LYS B 109 -9.89 4.97 8.55
C LYS B 109 -10.17 6.10 9.55
N ASP B 110 -10.87 5.84 10.65
CA ASP B 110 -11.19 6.92 11.63
C ASP B 110 -9.97 7.19 12.48
N PHE B 111 -9.00 6.27 12.50
CA PHE B 111 -7.86 6.29 13.43
C PHE B 111 -6.69 6.89 12.68
N HIS B 112 -6.38 8.15 12.93
CA HIS B 112 -5.33 8.93 12.22
C HIS B 112 -4.01 8.76 12.97
N PHE B 113 -3.07 8.08 12.34
CA PHE B 113 -1.67 7.92 12.80
C PHE B 113 -0.83 7.69 11.54
N GLU B 114 0.48 7.77 11.67
CA GLU B 114 1.45 7.52 10.58
C GLU B 114 1.25 6.07 10.15
N LYS B 115 0.52 5.86 9.06
CA LYS B 115 0.26 4.51 8.50
C LYS B 115 1.41 4.16 7.54
N ILE B 116 2.36 3.39 8.04
CA ILE B 116 3.58 2.95 7.28
C ILE B 116 3.20 1.68 6.52
N PRO B 117 3.25 1.70 5.18
CA PRO B 117 3.03 0.48 4.39
C PRO B 117 3.97 -0.66 4.77
N PHE B 118 3.46 -1.89 4.81
CA PHE B 118 4.28 -3.12 4.98
C PHE B 118 5.44 -3.06 3.99
N ASP B 119 6.62 -3.53 4.34
CA ASP B 119 7.76 -3.59 3.39
C ASP B 119 8.43 -4.96 3.52
N PRO B 120 8.29 -5.83 2.50
CA PRO B 120 8.82 -7.20 2.59
C PRO B 120 10.31 -7.16 2.89
N ALA B 121 11.01 -6.16 2.34
CA ALA B 121 12.47 -5.98 2.47
C ALA B 121 12.82 -5.39 3.83
N GLU B 122 11.93 -5.49 4.83
CA GLU B 122 12.09 -4.91 6.20
C GLU B 122 12.07 -6.06 7.22
N MET B 123 12.26 -7.29 6.76
CA MET B 123 12.16 -8.53 7.58
C MET B 123 13.51 -9.26 7.54
#